data_1WKO
#
_entry.id   1WKO
#
_cell.length_a   109.347
_cell.length_b   109.347
_cell.length_c   64.697
_cell.angle_alpha   90.00
_cell.angle_beta   90.00
_cell.angle_gamma   120.00
#
_symmetry.space_group_name_H-M   'P 3 2 1'
#
loop_
_entity.id
_entity.type
_entity.pdbx_description
1 polymer 'TERMINAL FLOWER 1 protein'
2 water water
#
_entity_poly.entity_id   1
_entity_poly.type   'polypeptide(L)'
_entity_poly.pdbx_seq_one_letter_code
;GSHMENMGTRVIEPLIMGRVVGDVLDFFTPTTKMNVSYNKKQVSNGHELFPSSVSSKPRVEIHGGDLRSFFTLVMIDPDV
PGPSDPFLKEHLHWIVTNIPGTTDATFGKEVVSYELPRPSIGIHRFVFVLFRQKQRRVIFPNIPSRDHFNTRKFAVEYDL
GLPVAAVFFNAQRETAARKR
;
_entity_poly.pdbx_strand_id   A,B
#
# COMPACT_ATOMS: atom_id res chain seq x y z
N ARG A 10 14.02 -32.24 -4.04
CA ARG A 10 15.36 -31.81 -4.54
C ARG A 10 15.62 -30.26 -4.55
N VAL A 11 14.59 -29.45 -4.83
CA VAL A 11 14.76 -27.98 -4.90
C VAL A 11 15.01 -27.30 -3.52
N ILE A 12 14.45 -27.92 -2.49
CA ILE A 12 14.51 -27.47 -1.13
C ILE A 12 15.74 -28.12 -0.43
N GLU A 13 16.48 -28.95 -1.15
CA GLU A 13 17.53 -29.76 -0.52
C GLU A 13 18.53 -28.98 0.34
N PRO A 14 19.09 -27.87 -0.16
CA PRO A 14 20.08 -27.12 0.61
C PRO A 14 19.50 -26.57 1.90
N LEU A 15 18.20 -26.26 1.90
CA LEU A 15 17.48 -25.80 3.09
C LEU A 15 17.31 -26.94 4.11
N ILE A 16 17.14 -28.18 3.64
CA ILE A 16 17.00 -29.28 4.60
C ILE A 16 18.40 -29.65 5.14
N MET A 17 19.36 -29.87 4.24
CA MET A 17 20.72 -30.20 4.74
C MET A 17 21.30 -29.12 5.65
N GLY A 18 20.94 -27.85 5.39
CA GLY A 18 21.43 -26.71 6.17
C GLY A 18 20.62 -26.47 7.43
N ARG A 19 19.61 -27.29 7.63
CA ARG A 19 18.75 -27.27 8.82
C ARG A 19 17.85 -26.03 8.89
N VAL A 20 17.74 -25.25 7.80
CA VAL A 20 16.80 -24.13 7.77
C VAL A 20 15.41 -24.71 7.89
N VAL A 21 15.12 -25.72 7.06
CA VAL A 21 13.89 -26.49 7.18
C VAL A 21 14.22 -27.37 8.36
N GLY A 22 13.44 -27.21 9.43
CA GLY A 22 13.70 -27.84 10.70
C GLY A 22 13.81 -26.72 11.73
N ASP A 23 14.95 -26.03 11.75
CA ASP A 23 15.19 -25.03 12.78
C ASP A 23 14.31 -23.80 12.66
N VAL A 24 14.01 -23.40 11.44
CA VAL A 24 13.30 -22.11 11.20
C VAL A 24 11.96 -22.35 10.50
N LEU A 25 11.95 -23.22 9.49
CA LEU A 25 10.75 -23.41 8.65
C LEU A 25 10.24 -24.85 8.63
N ASP A 26 8.93 -25.00 8.44
CA ASP A 26 8.38 -26.32 8.21
C ASP A 26 8.66 -26.69 6.77
N PHE A 27 8.51 -27.99 6.46
CA PHE A 27 8.63 -28.44 5.07
C PHE A 27 7.63 -27.72 4.20
N PHE A 28 8.05 -27.34 2.98
CA PHE A 28 7.15 -26.70 2.02
C PHE A 28 7.54 -27.06 0.60
N THR A 29 6.66 -26.75 -0.36
CA THR A 29 6.90 -27.00 -1.75
C THR A 29 7.17 -25.61 -2.33
N PRO A 30 8.38 -25.35 -2.81
CA PRO A 30 8.69 -24.04 -3.39
C PRO A 30 7.82 -23.83 -4.63
N THR A 31 7.19 -22.66 -4.73
CA THR A 31 6.31 -22.36 -5.89
C THR A 31 6.54 -20.98 -6.52
N THR A 32 7.34 -20.15 -5.90
CA THR A 32 7.65 -18.84 -6.46
C THR A 32 9.14 -18.79 -6.59
N LYS A 33 9.66 -18.34 -7.72
CA LYS A 33 11.10 -18.20 -7.85
C LYS A 33 11.52 -16.88 -7.23
N MET A 34 12.53 -16.91 -6.36
CA MET A 34 13.05 -15.70 -5.73
C MET A 34 14.54 -15.63 -6.04
N ASN A 35 15.01 -14.44 -6.42
CA ASN A 35 16.45 -14.24 -6.62
C ASN A 35 16.93 -13.08 -5.76
N VAL A 36 17.81 -13.40 -4.81
CA VAL A 36 18.37 -12.40 -3.91
C VAL A 36 19.77 -12.06 -4.39
N SER A 37 20.06 -10.78 -4.58
CA SER A 37 21.40 -10.45 -5.09
C SER A 37 21.99 -9.23 -4.42
N TYR A 38 23.29 -9.31 -4.18
CA TYR A 38 24.02 -8.17 -3.64
C TYR A 38 25.01 -7.67 -4.68
N ASN A 39 24.80 -6.42 -5.13
CA ASN A 39 25.61 -5.86 -6.22
C ASN A 39 25.73 -6.85 -7.38
N LYS A 40 24.58 -7.39 -7.79
CA LYS A 40 24.45 -8.27 -8.96
C LYS A 40 25.04 -9.67 -8.78
N LYS A 41 25.50 -10.00 -7.57
CA LYS A 41 25.93 -11.36 -7.28
C LYS A 41 24.81 -12.12 -6.56
N GLN A 42 24.23 -13.09 -7.25
CA GLN A 42 23.16 -13.92 -6.67
C GLN A 42 23.58 -14.72 -5.42
N VAL A 43 22.71 -14.72 -4.41
CA VAL A 43 22.92 -15.55 -3.22
C VAL A 43 22.70 -17.01 -3.61
N SER A 44 23.70 -17.84 -3.33
CA SER A 44 23.60 -19.28 -3.54
C SER A 44 23.40 -19.97 -2.21
N ASN A 45 22.34 -20.75 -2.12
CA ASN A 45 21.95 -21.45 -0.91
C ASN A 45 23.11 -22.12 -0.20
N GLY A 46 23.36 -21.72 1.04
CA GLY A 46 24.37 -22.38 1.85
C GLY A 46 25.82 -21.98 1.69
N HIS A 47 26.10 -21.10 0.73
CA HIS A 47 27.46 -20.65 0.53
C HIS A 47 27.79 -19.51 1.50
N GLU A 48 29.06 -19.39 1.84
CA GLU A 48 29.52 -18.36 2.77
C GLU A 48 29.78 -17.04 2.06
N LEU A 49 29.37 -15.96 2.71
CA LEU A 49 29.66 -14.60 2.22
C LEU A 49 30.30 -13.83 3.35
N PHE A 50 31.10 -12.84 3.01
CA PHE A 50 31.63 -11.93 4.02
C PHE A 50 30.55 -10.91 4.41
N PRO A 51 30.45 -10.60 5.71
CA PRO A 51 29.56 -9.52 6.17
C PRO A 51 29.75 -8.19 5.42
N SER A 52 30.98 -7.83 5.09
CA SER A 52 31.24 -6.58 4.36
C SER A 52 30.57 -6.53 2.99
N SER A 53 30.32 -7.72 2.43
CA SER A 53 29.69 -7.85 1.12
C SER A 53 28.17 -7.64 1.19
N VAL A 54 27.61 -7.77 2.40
CA VAL A 54 26.15 -7.76 2.58
C VAL A 54 25.71 -6.62 3.49
N SER A 55 26.52 -5.58 3.56
CA SER A 55 26.25 -4.47 4.45
C SER A 55 25.09 -3.55 3.97
N SER A 56 24.71 -3.65 2.70
CA SER A 56 23.53 -2.91 2.22
C SER A 56 22.49 -3.89 1.78
N LYS A 57 21.21 -3.48 1.78
CA LYS A 57 20.15 -4.45 1.43
C LYS A 57 20.30 -4.99 0.01
N PRO A 58 19.92 -6.24 -0.18
CA PRO A 58 20.01 -6.86 -1.51
C PRO A 58 18.77 -6.50 -2.35
N ARG A 59 18.89 -6.79 -3.65
CA ARG A 59 17.80 -6.71 -4.54
C ARG A 59 17.11 -8.08 -4.41
N VAL A 60 15.78 -8.11 -4.31
CA VAL A 60 15.05 -9.38 -4.22
C VAL A 60 13.95 -9.39 -5.29
N GLU A 61 14.18 -10.10 -6.39
CA GLU A 61 13.21 -10.18 -7.47
C GLU A 61 12.38 -11.44 -7.32
N ILE A 62 11.08 -11.33 -7.59
CA ILE A 62 10.21 -12.51 -7.47
C ILE A 62 9.50 -12.76 -8.77
N HIS A 63 9.30 -14.05 -9.09
CA HIS A 63 8.86 -14.46 -10.42
C HIS A 63 7.64 -15.37 -10.43
N GLY A 64 6.81 -15.17 -11.45
CA GLY A 64 5.72 -16.06 -11.79
C GLY A 64 4.44 -15.80 -11.03
N GLY A 65 3.35 -16.35 -11.55
CA GLY A 65 2.08 -16.33 -10.88
C GLY A 65 1.30 -15.07 -11.14
N ASP A 66 0.14 -14.99 -10.48
CA ASP A 66 -0.80 -13.87 -10.65
C ASP A 66 -0.13 -12.51 -10.35
N LEU A 67 -0.28 -11.57 -11.26
CA LEU A 67 0.17 -10.19 -11.03
C LEU A 67 -0.51 -9.56 -9.81
N ARG A 68 -1.69 -10.09 -9.45
CA ARG A 68 -2.52 -9.50 -8.37
C ARG A 68 -2.13 -10.04 -6.99
N SER A 69 -1.26 -11.04 -6.97
CA SER A 69 -0.81 -11.62 -5.72
C SER A 69 0.12 -10.68 -4.96
N PHE A 70 0.13 -10.78 -3.63
CA PHE A 70 1.02 -10.00 -2.79
C PHE A 70 1.88 -10.95 -1.94
N PHE A 71 3.12 -10.57 -1.71
CA PHE A 71 4.07 -11.41 -0.96
C PHE A 71 4.75 -10.65 0.16
N THR A 72 5.11 -11.37 1.22
CA THR A 72 5.84 -10.81 2.34
C THR A 72 7.22 -11.49 2.35
N LEU A 73 8.25 -10.68 2.54
CA LEU A 73 9.64 -11.16 2.67
C LEU A 73 10.12 -10.91 4.10
N VAL A 74 10.74 -11.92 4.73
CA VAL A 74 11.42 -11.69 6.01
C VAL A 74 12.86 -12.18 5.90
N MET A 75 13.78 -11.54 6.61
CA MET A 75 15.16 -12.01 6.71
C MET A 75 15.46 -12.17 8.19
N ILE A 76 15.90 -13.36 8.58
CA ILE A 76 16.13 -13.69 10.00
C ILE A 76 17.45 -14.42 10.18
N ASP A 77 17.98 -14.37 11.41
CA ASP A 77 19.19 -15.12 11.78
C ASP A 77 18.82 -15.96 13.01
N PRO A 78 18.74 -17.28 12.86
CA PRO A 78 18.33 -18.15 13.96
C PRO A 78 19.48 -18.50 14.92
N ASP A 79 20.71 -18.09 14.60
CA ASP A 79 21.90 -18.58 15.34
C ASP A 79 22.51 -17.53 16.27
N VAL A 80 21.68 -16.92 17.10
CA VAL A 80 22.13 -15.76 17.89
C VAL A 80 22.02 -16.02 19.40
N PRO A 81 23.06 -15.62 20.14
CA PRO A 81 24.27 -14.97 19.58
C PRO A 81 25.25 -15.91 18.88
N GLY A 82 25.15 -17.22 19.14
CA GLY A 82 25.95 -18.22 18.45
C GLY A 82 25.04 -19.40 18.19
N PRO A 83 25.33 -20.20 17.17
CA PRO A 83 24.47 -21.35 16.82
C PRO A 83 24.39 -22.46 17.89
N SER A 84 25.42 -22.65 18.71
CA SER A 84 25.41 -23.73 19.70
C SER A 84 24.51 -23.46 20.88
N ASP A 85 24.23 -22.18 21.14
CA ASP A 85 23.39 -21.78 22.29
C ASP A 85 22.68 -20.51 21.83
N PRO A 86 21.72 -20.68 20.94
CA PRO A 86 21.07 -19.54 20.26
C PRO A 86 19.92 -18.95 21.09
N PHE A 87 20.26 -18.48 22.29
CA PHE A 87 19.25 -18.08 23.26
C PHE A 87 18.51 -16.78 22.94
N LEU A 88 18.94 -16.06 21.89
CA LEU A 88 18.25 -14.86 21.43
C LEU A 88 17.48 -15.11 20.15
N LYS A 89 17.42 -16.35 19.71
CA LYS A 89 16.85 -16.58 18.36
C LYS A 89 15.36 -16.25 18.24
N GLU A 90 14.91 -15.74 17.09
CA GLU A 90 15.72 -15.39 15.92
C GLU A 90 15.96 -13.90 15.96
N HIS A 91 17.03 -13.44 15.32
CA HIS A 91 17.18 -11.99 15.21
C HIS A 91 16.58 -11.54 13.89
N LEU A 92 15.67 -10.57 13.96
CA LEU A 92 14.98 -10.08 12.74
C LEU A 92 15.78 -8.99 12.00
N HIS A 93 16.10 -9.23 10.73
CA HIS A 93 16.91 -8.32 9.95
C HIS A 93 16.16 -7.43 8.99
N TRP A 94 14.98 -7.84 8.58
CA TRP A 94 14.26 -7.15 7.51
C TRP A 94 12.87 -7.73 7.32
N ILE A 95 11.88 -6.84 7.13
CA ILE A 95 10.54 -7.29 6.72
C ILE A 95 10.02 -6.33 5.65
N VAL A 96 9.62 -6.88 4.53
CA VAL A 96 8.94 -6.12 3.47
C VAL A 96 7.62 -6.84 3.18
N THR A 97 6.51 -6.11 3.25
CA THR A 97 5.20 -6.72 2.94
C THR A 97 4.59 -6.13 1.67
N ASN A 98 3.51 -6.77 1.22
CA ASN A 98 2.71 -6.25 0.09
C ASN A 98 3.54 -6.03 -1.15
N ILE A 99 4.42 -6.99 -1.44
CA ILE A 99 5.18 -6.97 -2.67
C ILE A 99 4.32 -7.56 -3.78
N PRO A 100 4.00 -6.78 -4.81
CA PRO A 100 3.24 -7.33 -5.94
C PRO A 100 3.96 -8.49 -6.66
N GLY A 101 3.21 -9.53 -6.97
CA GLY A 101 3.74 -10.65 -7.74
C GLY A 101 4.45 -10.19 -9.00
N THR A 102 5.53 -10.91 -9.34
CA THR A 102 6.38 -10.63 -10.52
C THR A 102 7.24 -9.36 -10.44
N THR A 103 7.29 -8.69 -9.29
CA THR A 103 8.13 -7.50 -9.19
C THR A 103 9.33 -7.76 -8.29
N ASP A 104 9.58 -6.84 -7.36
CA ASP A 104 10.70 -7.00 -6.44
C ASP A 104 10.43 -6.26 -5.12
N ALA A 105 11.26 -6.50 -4.11
CA ALA A 105 11.08 -5.88 -2.78
C ALA A 105 10.94 -4.35 -2.79
N THR A 106 11.54 -3.66 -3.75
CA THR A 106 11.41 -2.20 -3.73
C THR A 106 9.95 -1.76 -3.98
N PHE A 107 9.10 -2.65 -4.52
CA PHE A 107 7.69 -2.32 -4.77
C PHE A 107 6.77 -2.59 -3.56
N GLY A 108 7.31 -3.22 -2.52
CA GLY A 108 6.56 -3.45 -1.30
C GLY A 108 6.75 -2.39 -0.23
N LYS A 109 6.19 -2.65 0.94
CA LYS A 109 6.22 -1.71 2.06
C LYS A 109 7.29 -2.20 3.02
N GLU A 110 8.31 -1.39 3.26
CA GLU A 110 9.35 -1.81 4.21
C GLU A 110 8.82 -1.52 5.59
N VAL A 111 8.62 -2.58 6.35
CA VAL A 111 8.00 -2.51 7.68
C VAL A 111 9.08 -2.57 8.74
N VAL A 112 10.11 -3.37 8.50
CA VAL A 112 11.29 -3.43 9.37
C VAL A 112 12.51 -3.21 8.49
N SER A 113 13.25 -2.14 8.76
CA SER A 113 14.36 -1.76 7.90
C SER A 113 15.47 -2.80 7.92
N TYR A 114 16.21 -2.91 6.82
CA TYR A 114 17.37 -3.82 6.72
C TYR A 114 18.49 -3.51 7.71
N GLU A 115 18.80 -4.50 8.55
CA GLU A 115 19.92 -4.39 9.50
C GLU A 115 21.09 -5.23 8.93
N LEU A 116 22.25 -4.61 8.80
CA LEU A 116 23.40 -5.33 8.23
C LEU A 116 23.78 -6.53 9.11
N PRO A 117 24.06 -7.68 8.47
CA PRO A 117 24.61 -8.83 9.19
C PRO A 117 25.92 -8.52 9.94
N ARG A 118 25.91 -8.81 11.24
CA ARG A 118 27.09 -8.61 12.08
C ARG A 118 27.16 -9.81 13.06
N PRO A 119 27.41 -11.02 12.57
CA PRO A 119 27.40 -12.20 13.44
C PRO A 119 28.49 -12.11 14.49
N SER A 120 28.16 -12.36 15.76
CA SER A 120 29.07 -12.13 16.89
C SER A 120 29.98 -13.33 17.16
N ILE A 121 29.36 -14.50 17.19
CA ILE A 121 30.04 -15.74 17.59
C ILE A 121 29.71 -16.81 16.57
N GLY A 122 30.73 -17.50 16.07
CA GLY A 122 30.48 -18.60 15.16
C GLY A 122 29.89 -18.24 13.81
N ILE A 123 29.40 -19.27 13.12
CA ILE A 123 28.84 -19.11 11.77
C ILE A 123 27.35 -19.01 11.89
N HIS A 124 26.78 -17.95 11.31
CA HIS A 124 25.35 -17.80 11.32
C HIS A 124 24.69 -17.94 9.96
N ARG A 125 23.47 -18.48 9.96
CA ARG A 125 22.65 -18.56 8.76
C ARG A 125 21.79 -17.31 8.66
N PHE A 126 21.88 -16.63 7.52
CA PHE A 126 21.06 -15.47 7.22
C PHE A 126 20.05 -15.90 6.18
N VAL A 127 18.80 -16.01 6.64
CA VAL A 127 17.73 -16.66 5.87
C VAL A 127 16.68 -15.69 5.33
N PHE A 128 16.40 -15.76 4.03
CA PHE A 128 15.30 -14.98 3.42
C PHE A 128 14.16 -15.93 3.19
N VAL A 129 12.94 -15.54 3.59
CA VAL A 129 11.77 -16.40 3.43
C VAL A 129 10.70 -15.56 2.78
N LEU A 130 10.07 -16.10 1.73
CA LEU A 130 8.96 -15.40 1.08
C LEU A 130 7.67 -16.14 1.35
N PHE A 131 6.61 -15.40 1.63
CA PHE A 131 5.28 -15.97 1.81
C PHE A 131 4.29 -15.31 0.85
N ARG A 132 3.28 -16.05 0.43
CA ARG A 132 2.18 -15.43 -0.30
C ARG A 132 1.11 -15.01 0.71
N GLN A 133 0.68 -13.75 0.65
CA GLN A 133 -0.44 -13.28 1.46
C GLN A 133 -1.78 -13.85 1.01
N LYS A 134 -2.73 -13.89 1.95
CA LYS A 134 -4.08 -14.34 1.61
C LYS A 134 -4.66 -13.37 0.58
N GLN A 135 -5.51 -13.87 -0.29
CA GLN A 135 -6.16 -13.04 -1.30
C GLN A 135 -6.85 -11.86 -0.63
N ARG A 136 -6.74 -10.68 -1.25
CA ARG A 136 -7.40 -9.47 -0.77
C ARG A 136 -7.00 -9.05 0.63
N ARG A 137 -5.72 -9.19 0.92
CA ARG A 137 -5.20 -8.77 2.18
C ARG A 137 -3.87 -8.10 2.02
N VAL A 138 -3.76 -6.89 2.55
CA VAL A 138 -2.47 -6.22 2.65
C VAL A 138 -2.21 -6.14 4.14
N ILE A 139 -0.95 -6.26 4.53
CA ILE A 139 -0.58 -6.28 5.96
C ILE A 139 0.51 -5.27 6.33
N PHE A 140 0.46 -4.82 7.59
CA PHE A 140 1.41 -3.85 8.13
C PHE A 140 1.81 -4.22 9.56
N PRO A 141 2.62 -5.26 9.70
CA PRO A 141 3.02 -5.76 11.03
C PRO A 141 3.68 -4.68 11.88
N ASN A 142 3.28 -4.62 13.14
CA ASN A 142 3.93 -3.81 14.16
C ASN A 142 4.89 -4.73 14.95
N ILE A 143 6.18 -4.63 14.67
CA ILE A 143 7.17 -5.48 15.35
C ILE A 143 7.98 -4.65 16.33
N PRO A 144 7.71 -4.81 17.63
CA PRO A 144 8.34 -3.94 18.63
C PRO A 144 9.82 -4.24 18.87
N SER A 145 10.28 -5.47 18.58
CA SER A 145 11.67 -5.85 18.89
C SER A 145 12.22 -6.80 17.84
N ARG A 146 13.52 -6.68 17.54
CA ARG A 146 14.16 -7.61 16.58
C ARG A 146 14.66 -8.92 17.23
N ASP A 147 14.71 -8.99 18.55
CA ASP A 147 15.20 -10.22 19.20
C ASP A 147 14.05 -11.15 19.56
N HIS A 148 14.36 -12.45 19.67
CA HIS A 148 13.39 -13.51 20.03
C HIS A 148 12.23 -13.56 19.01
N PHE A 149 12.54 -13.24 17.75
CA PHE A 149 11.54 -13.28 16.66
C PHE A 149 11.29 -14.75 16.31
N ASN A 150 10.06 -15.09 15.88
CA ASN A 150 9.73 -16.49 15.56
C ASN A 150 9.01 -16.48 14.21
N THR A 151 9.71 -16.92 13.16
CA THR A 151 9.14 -16.87 11.81
C THR A 151 7.89 -17.70 11.70
N ARG A 152 7.90 -18.88 12.31
CA ARG A 152 6.72 -19.74 12.22
C ARG A 152 5.52 -19.01 12.85
N LYS A 153 5.75 -18.37 14.00
CA LYS A 153 4.64 -17.72 14.72
C LYS A 153 4.16 -16.48 13.99
N PHE A 154 5.12 -15.80 13.34
CA PHE A 154 4.82 -14.62 12.57
C PHE A 154 3.90 -14.99 11.41
N ALA A 155 4.22 -16.09 10.72
CA ALA A 155 3.36 -16.50 9.63
C ALA A 155 1.96 -16.86 10.08
N VAL A 156 1.84 -17.46 11.28
CA VAL A 156 0.52 -17.79 11.79
C VAL A 156 -0.22 -16.49 12.11
N GLU A 157 0.51 -15.53 12.69
CA GLU A 157 -0.16 -14.31 13.13
C GLU A 157 -0.76 -13.57 11.92
N TYR A 158 -0.02 -13.54 10.81
CA TYR A 158 -0.42 -12.74 9.66
C TYR A 158 -1.07 -13.55 8.53
N ASP A 159 -1.45 -14.79 8.84
CA ASP A 159 -2.15 -15.66 7.89
C ASP A 159 -1.32 -15.86 6.61
N LEU A 160 -0.04 -16.19 6.77
CA LEU A 160 0.87 -16.24 5.62
C LEU A 160 1.14 -17.65 5.11
N GLY A 161 0.52 -18.62 5.77
CA GLY A 161 0.63 -20.00 5.32
C GLY A 161 2.06 -20.51 5.44
N LEU A 162 2.44 -21.37 4.50
CA LEU A 162 3.80 -21.92 4.43
C LEU A 162 4.66 -21.05 3.51
N PRO A 163 5.97 -21.08 3.66
CA PRO A 163 6.85 -20.37 2.73
C PRO A 163 6.59 -20.83 1.30
N VAL A 164 6.72 -19.88 0.35
CA VAL A 164 6.70 -20.25 -1.05
C VAL A 164 8.12 -20.29 -1.67
N ALA A 165 9.10 -19.72 -0.97
CA ALA A 165 10.52 -19.73 -1.40
C ALA A 165 11.38 -19.39 -0.18
N ALA A 166 12.62 -19.85 -0.19
CA ALA A 166 13.55 -19.42 0.86
C ALA A 166 14.96 -19.61 0.32
N VAL A 167 15.87 -18.78 0.79
CA VAL A 167 17.29 -18.93 0.42
C VAL A 167 18.12 -18.45 1.62
N PHE A 168 19.34 -18.93 1.74
CA PHE A 168 20.15 -18.42 2.83
C PHE A 168 21.62 -18.43 2.49
N PHE A 169 22.37 -17.60 3.22
CA PHE A 169 23.82 -17.64 3.15
C PHE A 169 24.38 -17.80 4.57
N ASN A 170 25.62 -18.26 4.67
CA ASN A 170 26.33 -18.38 5.95
C ASN A 170 27.29 -17.21 6.06
N ALA A 171 27.44 -16.63 7.25
CA ALA A 171 28.41 -15.57 7.46
C ALA A 171 28.95 -15.62 8.89
N GLN A 172 30.22 -15.28 9.03
CA GLN A 172 30.86 -15.16 10.34
C GLN A 172 31.70 -13.89 10.38
N ARG A 173 32.08 -13.47 11.59
CA ARG A 173 32.92 -12.28 11.78
C ARG A 173 34.21 -12.42 10.95
N GLU A 174 34.62 -11.37 10.23
CA GLU A 174 35.81 -11.46 9.34
C GLU A 174 37.14 -11.55 10.09
N ARG B 10 -19.22 17.70 -25.08
CA ARG B 10 -19.89 17.34 -23.79
C ARG B 10 -18.86 17.41 -22.63
N VAL B 11 -19.15 18.27 -21.65
CA VAL B 11 -18.26 18.54 -20.50
C VAL B 11 -17.96 17.28 -19.64
N ILE B 12 -18.87 16.30 -19.71
CA ILE B 12 -18.74 15.05 -18.97
C ILE B 12 -17.76 14.05 -19.64
N GLU B 13 -17.39 14.30 -20.91
CA GLU B 13 -16.59 13.33 -21.68
C GLU B 13 -15.32 12.78 -21.00
N PRO B 14 -14.47 13.63 -20.41
CA PRO B 14 -13.30 13.12 -19.68
C PRO B 14 -13.65 12.19 -18.51
N LEU B 15 -14.81 12.41 -17.90
CA LEU B 15 -15.22 11.59 -16.78
C LEU B 15 -15.66 10.23 -17.28
N ILE B 16 -16.23 10.20 -18.47
CA ILE B 16 -16.66 8.92 -19.08
C ILE B 16 -15.46 8.14 -19.59
N MET B 17 -14.57 8.81 -20.31
CA MET B 17 -13.36 8.15 -20.79
C MET B 17 -12.46 7.61 -19.67
N GLY B 18 -12.42 8.34 -18.55
CA GLY B 18 -11.69 7.92 -17.38
C GLY B 18 -12.41 6.91 -16.48
N ARG B 19 -13.61 6.50 -16.90
CA ARG B 19 -14.44 5.52 -16.19
C ARG B 19 -14.81 6.01 -14.80
N VAL B 20 -14.69 7.33 -14.58
CA VAL B 20 -15.13 7.91 -13.31
C VAL B 20 -16.66 7.82 -13.29
N VAL B 21 -17.29 8.24 -14.38
CA VAL B 21 -18.70 7.99 -14.55
C VAL B 21 -18.68 6.53 -15.02
N GLY B 22 -19.30 5.66 -14.22
CA GLY B 22 -19.22 4.24 -14.42
C GLY B 22 -18.71 3.63 -13.12
N ASP B 23 -17.40 3.75 -12.89
CA ASP B 23 -16.79 3.12 -11.70
C ASP B 23 -17.21 3.77 -10.37
N VAL B 24 -17.33 5.09 -10.37
CA VAL B 24 -17.52 5.86 -9.13
C VAL B 24 -18.88 6.54 -9.10
N LEU B 25 -19.28 7.11 -10.24
CA LEU B 25 -20.48 7.94 -10.28
C LEU B 25 -21.47 7.54 -11.35
N ASP B 26 -22.74 7.84 -11.11
CA ASP B 26 -23.73 7.70 -12.19
C ASP B 26 -23.59 8.84 -13.15
N PHE B 27 -24.13 8.66 -14.36
CA PHE B 27 -24.17 9.72 -15.35
C PHE B 27 -24.95 10.91 -14.79
N PHE B 28 -24.47 12.11 -15.06
CA PHE B 28 -25.13 13.34 -14.61
C PHE B 28 -24.85 14.46 -15.60
N THR B 29 -25.63 15.52 -15.48
CA THR B 29 -25.46 16.72 -16.29
C THR B 29 -24.84 17.76 -15.37
N PRO B 30 -23.60 18.12 -15.60
CA PRO B 30 -22.94 19.11 -14.74
C PRO B 30 -23.69 20.43 -14.68
N THR B 31 -23.90 20.98 -13.47
CA THR B 31 -24.61 22.26 -13.33
C THR B 31 -23.94 23.28 -12.40
N THR B 32 -22.92 22.88 -11.68
CA THR B 32 -22.15 23.81 -10.87
C THR B 32 -20.74 23.71 -11.40
N LYS B 33 -20.07 24.84 -11.55
CA LYS B 33 -18.68 24.80 -11.97
C LYS B 33 -17.79 24.69 -10.72
N MET B 34 -16.80 23.80 -10.76
CA MET B 34 -15.90 23.57 -9.63
C MET B 34 -14.47 23.73 -10.10
N ASN B 35 -13.67 24.49 -9.38
CA ASN B 35 -12.26 24.63 -9.73
C ASN B 35 -11.37 24.17 -8.57
N VAL B 36 -10.64 23.09 -8.83
CA VAL B 36 -9.78 22.49 -7.82
C VAL B 36 -8.34 22.82 -8.19
N SER B 37 -7.62 23.44 -7.28
CA SER B 37 -6.27 23.83 -7.60
C SER B 37 -5.36 23.53 -6.43
N TYR B 38 -4.15 23.07 -6.73
CA TYR B 38 -3.17 22.87 -5.69
C TYR B 38 -2.12 23.87 -5.98
N ASN B 39 -1.91 24.79 -5.04
CA ASN B 39 -0.90 25.83 -5.21
C ASN B 39 -1.07 26.58 -6.55
N LYS B 40 -2.33 26.97 -6.79
CA LYS B 40 -2.72 27.84 -7.91
C LYS B 40 -2.65 27.17 -9.29
N LYS B 41 -2.61 25.82 -9.25
CA LYS B 41 -2.48 25.05 -10.48
C LYS B 41 -3.73 24.22 -10.58
N GLN B 42 -4.52 24.52 -11.60
CA GLN B 42 -5.81 23.89 -11.74
C GLN B 42 -5.66 22.42 -12.12
N VAL B 43 -6.42 21.59 -11.41
CA VAL B 43 -6.55 20.16 -11.73
C VAL B 43 -7.35 20.05 -13.02
N SER B 44 -6.77 19.33 -13.98
CA SER B 44 -7.40 19.09 -15.27
C SER B 44 -7.68 17.58 -15.40
N ASN B 45 -8.91 17.22 -15.76
CA ASN B 45 -9.31 15.81 -15.86
C ASN B 45 -8.32 14.86 -16.53
N GLY B 46 -7.94 13.82 -15.80
CA GLY B 46 -7.11 12.76 -16.38
C GLY B 46 -5.63 13.08 -16.49
N HIS B 47 -5.24 14.30 -16.14
CA HIS B 47 -3.82 14.63 -16.22
C HIS B 47 -3.17 14.14 -14.95
N GLU B 48 -1.91 13.73 -15.05
CA GLU B 48 -1.22 13.15 -13.92
C GLU B 48 -0.65 14.24 -13.01
N LEU B 49 -0.61 13.92 -11.72
CA LEU B 49 0.01 14.76 -10.71
C LEU B 49 0.88 13.91 -9.81
N PHE B 50 1.94 14.52 -9.29
CA PHE B 50 2.78 13.85 -8.34
C PHE B 50 2.07 13.94 -6.93
N PRO B 51 2.06 12.84 -6.19
CA PRO B 51 1.59 12.81 -4.80
C PRO B 51 2.14 13.93 -3.89
N SER B 52 3.41 14.30 -4.03
CA SER B 52 4.04 15.30 -3.17
C SER B 52 3.52 16.71 -3.41
N SER B 53 2.82 16.90 -4.52
CA SER B 53 2.37 18.24 -4.92
C SER B 53 0.86 18.33 -4.62
N VAL B 54 0.36 17.23 -4.09
CA VAL B 54 -1.00 17.20 -3.65
C VAL B 54 -1.05 16.80 -2.19
N SER B 55 0.09 16.87 -1.50
CA SER B 55 0.14 16.48 -0.09
C SER B 55 -0.68 17.37 0.88
N SER B 56 -1.07 18.56 0.43
CA SER B 56 -1.85 19.49 1.29
C SER B 56 -3.17 19.71 0.58
N LYS B 57 -4.21 19.96 1.35
CA LYS B 57 -5.52 20.13 0.75
C LYS B 57 -5.49 21.22 -0.34
N PRO B 58 -6.26 21.01 -1.39
CA PRO B 58 -6.34 21.97 -2.46
C PRO B 58 -7.40 23.05 -2.19
N ARG B 59 -7.38 24.11 -2.95
CA ARG B 59 -8.40 25.13 -2.92
C ARG B 59 -9.49 24.57 -3.81
N VAL B 60 -10.74 24.61 -3.35
CA VAL B 60 -11.84 24.18 -4.18
C VAL B 60 -12.87 25.28 -4.23
N GLU B 61 -12.91 25.97 -5.37
CA GLU B 61 -13.87 27.05 -5.60
C GLU B 61 -15.10 26.54 -6.30
N ILE B 62 -16.27 26.98 -5.82
CA ILE B 62 -17.51 26.56 -6.46
C ILE B 62 -18.27 27.76 -7.01
N HIS B 63 -18.73 27.60 -8.23
CA HIS B 63 -19.38 28.70 -8.94
C HIS B 63 -20.80 28.36 -9.35
N GLY B 64 -21.69 29.33 -9.30
CA GLY B 64 -23.05 29.11 -9.74
C GLY B 64 -24.07 29.09 -8.60
N GLY B 65 -25.17 29.79 -8.84
CA GLY B 65 -26.26 29.87 -7.87
C GLY B 65 -25.96 30.97 -6.89
N ASP B 66 -26.36 30.76 -5.64
CA ASP B 66 -26.19 31.78 -4.61
C ASP B 66 -25.81 31.19 -3.26
N LEU B 67 -25.78 32.07 -2.28
CA LEU B 67 -25.29 31.74 -0.94
C LEU B 67 -26.34 31.00 -0.13
N ARG B 68 -27.51 30.82 -0.72
CA ARG B 68 -28.61 30.11 -0.07
C ARG B 68 -28.66 28.62 -0.41
N SER B 69 -27.67 28.15 -1.17
CA SER B 69 -27.55 26.73 -1.49
C SER B 69 -26.29 26.20 -0.84
N PHE B 70 -26.30 24.93 -0.44
CA PHE B 70 -25.15 24.35 0.29
C PHE B 70 -24.73 23.08 -0.40
N PHE B 71 -23.41 22.83 -0.43
CA PHE B 71 -22.84 21.74 -1.19
C PHE B 71 -21.93 20.84 -0.34
N THR B 72 -21.87 19.56 -0.73
CA THR B 72 -20.97 18.62 -0.07
C THR B 72 -19.91 18.20 -1.13
N LEU B 73 -18.65 18.17 -0.69
CA LEU B 73 -17.51 17.77 -1.51
C LEU B 73 -16.93 16.49 -0.94
N VAL B 74 -16.71 15.50 -1.81
CA VAL B 74 -16.08 14.24 -1.41
C VAL B 74 -14.87 13.99 -2.30
N MET B 75 -13.78 13.50 -1.71
CA MET B 75 -12.60 13.09 -2.49
C MET B 75 -12.26 11.64 -2.19
N ILE B 76 -12.16 10.83 -3.25
CA ILE B 76 -11.95 9.40 -3.08
C ILE B 76 -10.94 8.85 -4.08
N ASP B 77 -10.40 7.68 -3.75
CA ASP B 77 -9.50 6.94 -4.62
C ASP B 77 -10.17 5.57 -4.84
N PRO B 78 -10.71 5.30 -6.04
CA PRO B 78 -11.34 3.99 -6.26
C PRO B 78 -10.39 2.87 -6.68
N ASP B 79 -9.08 3.10 -6.64
CA ASP B 79 -8.11 2.17 -7.22
C ASP B 79 -7.17 1.57 -6.16
N VAL B 80 -7.68 1.30 -4.97
CA VAL B 80 -6.84 0.80 -3.85
C VAL B 80 -6.99 -0.72 -3.60
N PRO B 81 -5.91 -1.44 -3.33
CA PRO B 81 -4.54 -0.91 -3.27
C PRO B 81 -3.88 -0.68 -4.64
N GLY B 82 -4.37 -1.36 -5.68
CA GLY B 82 -3.95 -1.13 -7.05
C GLY B 82 -5.18 -1.21 -7.97
N PRO B 83 -5.18 -0.53 -9.12
CA PRO B 83 -6.39 -0.46 -9.94
C PRO B 83 -6.79 -1.79 -10.56
N SER B 84 -5.85 -2.72 -10.72
CA SER B 84 -6.18 -3.99 -11.35
C SER B 84 -6.88 -4.98 -10.40
N ASP B 85 -6.90 -4.68 -9.10
CA ASP B 85 -7.62 -5.48 -8.12
C ASP B 85 -7.89 -4.58 -6.91
N PRO B 86 -8.84 -3.66 -7.05
CA PRO B 86 -9.04 -2.60 -6.05
C PRO B 86 -9.93 -3.09 -4.89
N PHE B 87 -9.48 -4.12 -4.19
CA PHE B 87 -10.31 -4.72 -3.15
C PHE B 87 -10.51 -3.89 -1.90
N LEU B 88 -9.83 -2.76 -1.78
CA LEU B 88 -10.06 -1.86 -0.64
C LEU B 88 -10.94 -0.66 -0.97
N LYS B 89 -11.40 -0.63 -2.22
CA LYS B 89 -12.08 0.57 -2.72
C LYS B 89 -13.40 0.87 -2.02
N GLU B 90 -13.79 2.15 -1.92
CA GLU B 90 -12.95 3.31 -2.30
C GLU B 90 -12.21 3.78 -1.04
N HIS B 91 -11.04 4.39 -1.21
CA HIS B 91 -10.38 4.99 -0.06
C HIS B 91 -10.79 6.46 0.05
N LEU B 92 -11.33 6.83 1.21
CA LEU B 92 -11.85 8.18 1.42
C LEU B 92 -10.74 9.15 1.83
N HIS B 93 -10.62 10.25 1.09
CA HIS B 93 -9.56 11.24 1.35
C HIS B 93 -10.05 12.50 2.04
N TRP B 94 -11.29 12.90 1.77
CA TRP B 94 -11.78 14.19 2.26
C TRP B 94 -13.31 14.28 2.16
N ILE B 95 -13.95 14.87 3.18
CA ILE B 95 -15.39 15.25 3.07
C ILE B 95 -15.53 16.64 3.67
N VAL B 96 -16.13 17.54 2.89
CA VAL B 96 -16.49 18.88 3.39
C VAL B 96 -18.00 19.08 3.14
N THR B 97 -18.76 19.50 4.16
CA THR B 97 -20.19 19.70 3.96
C THR B 97 -20.55 21.17 4.14
N ASN B 98 -21.79 21.50 3.76
CA ASN B 98 -22.36 22.82 3.95
C ASN B 98 -21.50 23.97 3.37
N ILE B 99 -20.92 23.73 2.20
CA ILE B 99 -20.16 24.81 1.50
C ILE B 99 -21.19 25.73 0.85
N PRO B 100 -21.20 27.01 1.18
CA PRO B 100 -22.18 27.90 0.54
C PRO B 100 -21.86 28.05 -0.93
N GLY B 101 -22.90 28.01 -1.76
CA GLY B 101 -22.70 28.26 -3.18
C GLY B 101 -21.98 29.58 -3.45
N THR B 102 -21.19 29.59 -4.52
CA THR B 102 -20.34 30.72 -4.92
C THR B 102 -19.10 30.97 -4.06
N THR B 103 -18.89 30.10 -3.07
CA THR B 103 -17.71 30.28 -2.20
C THR B 103 -16.64 29.20 -2.44
N ASP B 104 -16.10 28.63 -1.37
CA ASP B 104 -15.07 27.63 -1.54
C ASP B 104 -15.04 26.74 -0.31
N ALA B 105 -14.32 25.62 -0.41
CA ALA B 105 -14.33 24.57 0.64
C ALA B 105 -13.91 25.07 2.03
N THR B 106 -13.16 26.16 2.12
CA THR B 106 -12.75 26.66 3.45
C THR B 106 -13.95 27.18 4.25
N PHE B 107 -15.07 27.44 3.55
CA PHE B 107 -16.28 27.91 4.21
C PHE B 107 -17.24 26.80 4.61
N GLY B 108 -16.92 25.58 4.21
CA GLY B 108 -17.77 24.47 4.62
C GLY B 108 -17.24 23.91 5.92
N LYS B 109 -17.80 22.81 6.36
CA LYS B 109 -17.39 22.13 7.58
C LYS B 109 -16.57 20.91 7.16
N GLU B 110 -15.30 20.84 7.58
CA GLU B 110 -14.51 19.68 7.18
C GLU B 110 -14.86 18.56 8.16
N VAL B 111 -15.56 17.53 7.67
CA VAL B 111 -16.01 16.44 8.57
C VAL B 111 -15.10 15.21 8.48
N VAL B 112 -14.33 15.11 7.40
CA VAL B 112 -13.29 14.08 7.24
C VAL B 112 -12.07 14.82 6.73
N SER B 113 -11.00 14.81 7.52
CA SER B 113 -9.84 15.64 7.18
C SER B 113 -9.16 15.16 5.91
N TYR B 114 -8.50 16.06 5.20
CA TYR B 114 -7.79 15.70 3.98
C TYR B 114 -6.61 14.78 4.27
N GLU B 115 -6.61 13.62 3.61
CA GLU B 115 -5.50 12.68 3.72
C GLU B 115 -4.64 12.74 2.45
N LEU B 116 -3.35 13.00 2.61
CA LEU B 116 -2.48 13.10 1.45
C LEU B 116 -2.52 11.81 0.61
N PRO B 117 -2.73 11.97 -0.70
CA PRO B 117 -2.53 10.89 -1.68
C PRO B 117 -1.16 10.21 -1.53
N ARG B 118 -1.17 8.91 -1.25
CA ARG B 118 0.08 8.14 -1.16
C ARG B 118 -0.14 6.80 -1.83
N PRO B 119 -0.34 6.80 -3.15
CA PRO B 119 -0.77 5.56 -3.85
C PRO B 119 0.27 4.46 -3.69
N SER B 120 -0.12 3.20 -3.43
CA SER B 120 0.90 2.15 -3.28
C SER B 120 1.26 1.51 -4.61
N ILE B 121 0.27 0.88 -5.26
CA ILE B 121 0.49 0.07 -6.48
C ILE B 121 -0.14 0.73 -7.71
N GLY B 122 0.67 0.87 -8.76
CA GLY B 122 0.21 1.38 -10.05
C GLY B 122 -0.27 2.84 -10.02
N ILE B 123 -1.10 3.21 -11.00
CA ILE B 123 -1.63 4.58 -11.12
C ILE B 123 -3.08 4.63 -10.57
N HIS B 124 -3.36 5.56 -9.66
CA HIS B 124 -4.68 5.69 -9.06
C HIS B 124 -5.39 6.97 -9.51
N ARG B 125 -6.72 6.91 -9.62
CA ARG B 125 -7.53 8.10 -9.84
C ARG B 125 -7.84 8.76 -8.50
N PHE B 126 -7.66 10.07 -8.41
CA PHE B 126 -8.09 10.84 -7.24
C PHE B 126 -9.22 11.76 -7.67
N VAL B 127 -10.42 11.42 -7.19
CA VAL B 127 -11.67 12.02 -7.66
C VAL B 127 -12.31 12.96 -6.66
N PHE B 128 -12.69 14.14 -7.13
CA PHE B 128 -13.43 15.14 -6.36
C PHE B 128 -14.83 15.18 -6.90
N VAL B 129 -15.81 15.03 -6.02
CA VAL B 129 -17.21 15.01 -6.42
C VAL B 129 -17.99 16.05 -5.62
N LEU B 130 -18.79 16.87 -6.30
CA LEU B 130 -19.60 17.85 -5.59
C LEU B 130 -21.09 17.52 -5.73
N PHE B 131 -21.83 17.68 -4.65
CA PHE B 131 -23.27 17.41 -4.59
C PHE B 131 -23.97 18.63 -4.06
N ARG B 132 -25.15 18.94 -4.60
CA ARG B 132 -25.98 20.00 -4.02
C ARG B 132 -26.87 19.38 -2.95
N GLN B 133 -26.85 19.96 -1.75
CA GLN B 133 -27.68 19.47 -0.65
C GLN B 133 -29.10 20.03 -0.78
N LYS B 134 -30.08 19.35 -0.18
CA LYS B 134 -31.44 19.83 -0.19
C LYS B 134 -31.57 21.03 0.74
N GLN B 135 -30.66 21.12 1.70
CA GLN B 135 -30.69 22.14 2.75
C GLN B 135 -29.36 22.05 3.54
N ARG B 136 -29.12 23.00 4.46
CA ARG B 136 -27.97 22.86 5.35
C ARG B 136 -28.18 21.60 6.14
N ARG B 137 -27.13 20.78 6.19
CA ARG B 137 -27.20 19.51 6.87
C ARG B 137 -25.87 19.16 7.46
N VAL B 138 -25.83 19.33 8.79
CA VAL B 138 -24.71 19.06 9.68
C VAL B 138 -24.72 17.55 9.93
N ILE B 139 -23.85 16.85 9.23
CA ILE B 139 -23.66 15.45 9.52
C ILE B 139 -22.26 15.21 10.02
N PHE B 140 -22.14 14.45 11.06
CA PHE B 140 -20.79 14.14 11.40
C PHE B 140 -20.71 12.66 11.20
N PRO B 141 -20.44 12.21 9.98
CA PRO B 141 -20.45 10.76 9.75
C PRO B 141 -19.31 10.16 10.56
N ASN B 142 -19.49 8.95 11.04
CA ASN B 142 -18.43 8.25 11.75
C ASN B 142 -17.84 7.21 10.81
N ILE B 143 -16.61 7.46 10.38
CA ILE B 143 -15.97 6.62 9.39
C ILE B 143 -14.60 6.25 9.96
N PRO B 144 -14.57 5.22 10.81
CA PRO B 144 -13.34 4.81 11.49
C PRO B 144 -12.27 4.33 10.53
N SER B 145 -12.65 3.71 9.42
CA SER B 145 -11.67 3.26 8.43
C SER B 145 -12.00 3.92 7.11
N ARG B 146 -11.01 4.55 6.50
CA ARG B 146 -11.21 5.18 5.19
C ARG B 146 -11.30 4.19 4.03
N ASP B 147 -10.97 2.91 4.23
CA ASP B 147 -11.16 1.95 3.16
C ASP B 147 -12.63 1.53 3.05
N HIS B 148 -12.99 0.91 1.92
CA HIS B 148 -14.33 0.38 1.67
C HIS B 148 -15.42 1.47 1.74
N PHE B 149 -15.05 2.71 1.45
CA PHE B 149 -16.04 3.79 1.27
C PHE B 149 -16.76 3.60 -0.04
N ASN B 150 -17.99 4.13 -0.15
CA ASN B 150 -18.68 4.06 -1.42
C ASN B 150 -19.47 5.34 -1.63
N THR B 151 -19.03 6.12 -2.62
CA THR B 151 -19.57 7.47 -2.85
C THR B 151 -21.04 7.39 -3.22
N ARG B 152 -21.41 6.41 -4.05
CA ARG B 152 -22.83 6.35 -4.41
C ARG B 152 -23.70 6.01 -3.19
N LYS B 153 -23.24 5.05 -2.37
CA LYS B 153 -23.96 4.68 -1.15
C LYS B 153 -24.07 5.90 -0.22
N PHE B 154 -22.98 6.64 -0.07
CA PHE B 154 -22.98 7.82 0.78
C PHE B 154 -24.07 8.84 0.31
N ALA B 155 -24.17 9.01 -1.01
CA ALA B 155 -25.17 9.93 -1.55
C ALA B 155 -26.60 9.44 -1.28
N VAL B 156 -26.81 8.12 -1.38
CA VAL B 156 -28.12 7.53 -1.00
C VAL B 156 -28.42 7.81 0.47
N GLU B 157 -27.45 7.49 1.33
CA GLU B 157 -27.66 7.63 2.79
C GLU B 157 -28.02 9.05 3.21
N TYR B 158 -27.38 10.04 2.63
CA TYR B 158 -27.54 11.44 3.07
C TYR B 158 -28.28 12.32 2.06
N ASP B 159 -29.07 11.67 1.18
CA ASP B 159 -29.94 12.39 0.25
C ASP B 159 -29.19 13.50 -0.55
N LEU B 160 -28.04 13.12 -1.12
CA LEU B 160 -27.20 14.08 -1.87
C LEU B 160 -27.52 14.12 -3.37
N GLY B 161 -28.35 13.17 -3.84
CA GLY B 161 -28.78 13.19 -5.22
C GLY B 161 -27.61 12.81 -6.14
N LEU B 162 -27.72 13.19 -7.40
CA LEU B 162 -26.62 12.99 -8.36
C LEU B 162 -25.55 14.06 -8.20
N PRO B 163 -24.31 13.77 -8.59
CA PRO B 163 -23.27 14.81 -8.58
C PRO B 163 -23.73 15.99 -9.43
N VAL B 164 -23.27 17.18 -9.04
CA VAL B 164 -23.45 18.37 -9.88
C VAL B 164 -22.12 18.76 -10.57
N ALA B 165 -21.00 18.24 -10.08
CA ALA B 165 -19.69 18.47 -10.74
C ALA B 165 -18.70 17.41 -10.26
N ALA B 166 -17.72 17.09 -11.09
CA ALA B 166 -16.66 16.20 -10.64
C ALA B 166 -15.40 16.50 -11.48
N VAL B 167 -14.25 16.20 -10.91
CA VAL B 167 -12.96 16.34 -11.59
C VAL B 167 -11.98 15.34 -10.96
N PHE B 168 -11.01 14.86 -11.74
CA PHE B 168 -10.07 13.94 -11.16
C PHE B 168 -8.67 14.11 -11.72
N PHE B 169 -7.70 13.61 -10.95
CA PHE B 169 -6.35 13.54 -11.48
C PHE B 169 -5.82 12.11 -11.27
N ASN B 170 -4.73 11.79 -11.97
CA ASN B 170 -4.02 10.52 -11.82
C ASN B 170 -2.73 10.70 -11.02
N ALA B 171 -2.40 9.75 -10.14
CA ALA B 171 -1.11 9.77 -9.43
C ALA B 171 -0.64 8.36 -9.10
N GLN B 172 0.68 8.17 -9.15
CA GLN B 172 1.30 6.90 -8.76
C GLN B 172 2.44 7.14 -7.77
N ARG B 173 3.03 6.06 -7.23
CA ARG B 173 4.10 6.14 -6.22
C ARG B 173 5.27 6.99 -6.70
N GLU B 174 5.75 7.88 -5.83
CA GLU B 174 6.70 8.96 -6.18
C GLU B 174 7.91 8.58 -7.05
#